data_3R07
#
_entry.id   3R07
#
_cell.length_a   118.570
_cell.length_b   118.570
_cell.length_c   72.920
_cell.angle_alpha   90.00
_cell.angle_beta   90.00
_cell.angle_gamma   120.00
#
_symmetry.space_group_name_H-M   'P 31 2 1'
#
loop_
_entity.id
_entity.type
_entity.pdbx_description
1 polymer 'Lipoate-protein ligase A subunit 1'
2 polymer 'Putative lipoate-protein ligase A subunit 2'
3 non-polymer (4S)-2-METHYL-2,4-PENTANEDIOL
4 non-polymer 'ACETATE ION'
5 water water
#
loop_
_entity_poly.entity_id
_entity_poly.type
_entity_poly.pdbx_seq_one_letter_code
_entity_poly.pdbx_strand_id
1 'polypeptide(L)'
;MGHHHHHHHHHHSSGHIDDDDKHMEGRLLLLETPGNTRMSLAYDEAIYRSFQYGDKPILRFYRHDRSVIIGYFQVAEEEV
DLDYMKKNGIMLARRYTGGGAVYHDLGDLNFSVVRSSDDMDITSMFRTMNEAVVNSLRILGLDARPGELNDVSIPVNKKT
DIMAGEKKIMGAAGAMRKGAKLWHAAMLVHTDLDMLSAVLKVPDEKFRDKIAKSTRERVANVTDFVDVSIDEVRNALIRG
FSETLHIDFREDTITEKEESLARELFDKKYSTEEWNMGLLRKEVV
;
A
2 'polypeptide(L)'
;MASMHMMYSKNWKAKKGLIRVTLDLDGNRIKDIHISGDFFMFPEDSINRLEDMLRGSSIEKINDIIRDFYNQGVITPGVE
PEDFIQALRVI
;
C
#
# COMPACT_ATOMS: atom_id res chain seq x y z
N HIS A 23 11.69 -14.25 24.12
CA HIS A 23 12.14 -13.19 23.18
C HIS A 23 13.25 -13.71 22.23
N MET A 24 12.88 -13.89 20.97
CA MET A 24 13.81 -14.28 19.92
C MET A 24 14.56 -13.08 19.28
N GLU A 25 15.63 -13.37 18.56
CA GLU A 25 16.45 -12.32 17.97
C GLU A 25 15.92 -11.85 16.61
N GLY A 26 15.95 -10.54 16.43
CA GLY A 26 15.58 -9.92 15.17
C GLY A 26 16.64 -8.96 14.71
N ARG A 27 16.50 -8.50 13.49
CA ARG A 27 17.45 -7.55 12.94
C ARG A 27 16.76 -6.22 12.81
N LEU A 28 17.37 -5.16 13.31
CA LEU A 28 16.88 -3.83 13.02
C LEU A 28 17.71 -3.27 11.89
N LEU A 29 17.05 -2.96 10.77
CA LEU A 29 17.74 -2.31 9.64
C LEU A 29 17.39 -0.83 9.55
N LEU A 30 18.38 0.02 9.74
CA LEU A 30 18.22 1.46 9.61
C LEU A 30 18.83 1.74 8.27
N LEU A 31 17.98 1.65 7.26
CA LEU A 31 18.42 1.61 5.89
C LEU A 31 17.45 2.43 5.04
N GLU A 32 17.96 3.50 4.43
CA GLU A 32 17.12 4.44 3.70
C GLU A 32 17.82 5.10 2.49
N THR A 33 17.03 5.47 1.48
CA THR A 33 17.55 6.25 0.35
C THR A 33 16.54 7.35 0.05
N PRO A 34 16.54 8.39 0.90
CA PRO A 34 15.41 9.31 0.77
C PRO A 34 15.38 9.96 -0.61
N GLY A 35 16.51 10.19 -1.24
CA GLY A 35 16.45 10.84 -2.55
C GLY A 35 16.05 9.90 -3.67
N ASN A 36 15.83 8.62 -3.36
CA ASN A 36 15.44 7.63 -4.33
C ASN A 36 14.41 6.63 -3.78
N THR A 37 13.14 7.03 -3.83
CA THR A 37 12.00 6.30 -3.27
C THR A 37 11.86 4.94 -3.96
N ARG A 38 12.15 4.94 -5.26
CA ARG A 38 12.13 3.71 -6.07
C ARG A 38 13.08 2.66 -5.55
N MET A 39 14.29 3.06 -5.22
CA MET A 39 15.28 2.15 -4.66
C MET A 39 14.85 1.70 -3.24
N SER A 40 14.15 2.60 -2.55
CA SER A 40 13.72 2.35 -1.20
C SER A 40 12.69 1.22 -1.22
N LEU A 41 11.77 1.29 -2.18
CA LEU A 41 10.76 0.27 -2.33
C LEU A 41 11.34 -1.04 -2.86
N ALA A 42 12.33 -0.97 -3.73
CA ALA A 42 13.08 -2.15 -4.11
C ALA A 42 13.63 -2.92 -2.88
N TYR A 43 14.29 -2.22 -1.96
CA TYR A 43 14.81 -2.84 -0.73
C TYR A 43 13.72 -3.51 0.05
N ASP A 44 12.56 -2.90 0.05
CA ASP A 44 11.46 -3.47 0.78
C ASP A 44 11.05 -4.81 0.19
N GLU A 45 11.01 -4.90 -1.15
CA GLU A 45 10.67 -6.14 -1.80
C GLU A 45 11.79 -7.17 -1.69
N ALA A 46 13.04 -6.74 -1.83
CA ALA A 46 14.20 -7.63 -1.68
C ALA A 46 14.19 -8.36 -0.36
N ILE A 47 14.02 -7.60 0.72
CA ILE A 47 14.09 -8.08 2.08
C ILE A 47 12.92 -9.04 2.35
N TYR A 48 11.76 -8.72 1.79
CA TYR A 48 10.62 -9.63 1.82
C TYR A 48 10.93 -10.92 1.03
N ARG A 49 11.49 -10.74 -0.17
CA ARG A 49 11.62 -11.85 -1.10
C ARG A 49 12.67 -12.86 -0.74
N SER A 50 13.78 -12.44 -0.12
CA SER A 50 14.83 -13.37 0.25
C SER A 50 14.70 -13.95 1.62
N PHE A 51 13.60 -13.67 2.28
CA PHE A 51 13.39 -14.19 3.60
C PHE A 51 12.98 -15.65 3.50
N GLN A 52 13.81 -16.55 4.05
CA GLN A 52 13.46 -17.98 4.22
C GLN A 52 12.71 -18.10 5.51
N TYR A 53 11.68 -18.94 5.52
CA TYR A 53 11.03 -19.32 6.75
C TYR A 53 12.03 -19.73 7.82
N GLY A 54 11.94 -19.15 9.04
CA GLY A 54 12.87 -19.45 10.12
C GLY A 54 13.97 -18.42 10.36
N ASP A 55 14.21 -17.53 9.39
CA ASP A 55 15.18 -16.42 9.54
C ASP A 55 14.72 -15.48 10.67
N LYS A 56 15.64 -14.64 11.16
CA LYS A 56 15.33 -13.64 12.16
C LYS A 56 14.35 -12.61 11.62
N PRO A 57 13.25 -12.32 12.33
CA PRO A 57 12.36 -11.28 11.76
C PRO A 57 13.05 -9.91 11.56
N ILE A 58 12.54 -9.10 10.64
CA ILE A 58 13.20 -7.85 10.28
C ILE A 58 12.30 -6.66 10.52
N LEU A 59 12.87 -5.59 11.08
CA LEU A 59 12.19 -4.30 11.26
C LEU A 59 13.07 -3.27 10.60
N ARG A 60 12.54 -2.61 9.56
CA ARG A 60 13.29 -1.57 8.84
C ARG A 60 12.68 -0.21 9.08
N PHE A 61 13.49 0.82 9.26
CA PHE A 61 12.98 2.19 9.35
C PHE A 61 13.60 3.00 8.23
N TYR A 62 12.86 3.99 7.72
CA TYR A 62 13.29 4.72 6.52
C TYR A 62 12.37 5.90 6.21
N ARG A 63 12.90 6.84 5.42
CA ARG A 63 12.12 8.00 5.03
C ARG A 63 12.25 8.21 3.54
N HIS A 64 11.23 8.80 2.94
CA HIS A 64 11.28 9.22 1.54
C HIS A 64 11.17 10.73 1.46
N ASP A 65 12.02 11.36 0.65
CA ASP A 65 11.81 12.75 0.22
C ASP A 65 10.58 12.85 -0.68
N ARG A 66 10.13 14.07 -0.90
CA ARG A 66 8.88 14.35 -1.64
C ARG A 66 8.48 13.33 -2.70
N SER A 67 7.40 12.59 -2.48
CA SER A 67 7.00 11.63 -3.50
C SER A 67 5.62 11.08 -3.26
N VAL A 68 5.02 10.52 -4.32
CA VAL A 68 3.71 9.87 -4.21
C VAL A 68 3.90 8.37 -4.45
N ILE A 69 3.43 7.55 -3.52
CA ILE A 69 3.59 6.14 -3.73
C ILE A 69 2.23 5.55 -3.99
N ILE A 70 2.05 4.91 -5.14
CA ILE A 70 0.76 4.29 -5.47
C ILE A 70 0.80 2.79 -5.14
N GLY A 71 -0.36 2.25 -4.79
CA GLY A 71 -0.51 0.81 -4.54
C GLY A 71 -0.33 -0.06 -5.80
N TYR A 72 -0.16 -1.34 -5.59
CA TYR A 72 0.16 -2.24 -6.67
C TYR A 72 -0.91 -2.25 -7.81
N PHE A 73 -2.19 -2.15 -7.44
CA PHE A 73 -3.27 -2.30 -8.40
C PHE A 73 -3.66 -0.98 -9.00
N GLN A 74 -2.88 0.05 -8.68
CA GLN A 74 -3.21 1.39 -9.11
C GLN A 74 -2.46 1.78 -10.37
N VAL A 75 -3.12 2.59 -11.19
CA VAL A 75 -2.55 3.12 -12.40
C VAL A 75 -2.31 4.64 -12.18
N ALA A 76 -1.07 5.09 -12.29
CA ALA A 76 -0.74 6.45 -11.89
C ALA A 76 -1.68 7.49 -12.47
N GLU A 77 -1.93 7.42 -13.77
CA GLU A 77 -2.62 8.47 -14.50
CA GLU A 77 -2.63 8.49 -14.49
C GLU A 77 -4.08 8.62 -14.04
N GLU A 78 -4.64 7.54 -13.50
CA GLU A 78 -5.98 7.57 -12.93
C GLU A 78 -6.03 8.15 -11.52
N GLU A 79 -4.91 8.23 -10.82
CA GLU A 79 -4.96 8.50 -9.38
C GLU A 79 -4.38 9.84 -9.01
N VAL A 80 -3.34 10.25 -9.72
CA VAL A 80 -2.55 11.39 -9.29
C VAL A 80 -2.39 12.41 -10.43
N ASP A 81 -2.08 13.64 -10.08
CA ASP A 81 -1.84 14.69 -11.04
C ASP A 81 -0.36 14.69 -11.45
N LEU A 82 -0.04 14.05 -12.57
CA LEU A 82 1.36 13.88 -12.96
C LEU A 82 2.10 15.19 -13.25
N ASP A 83 1.40 16.14 -13.87
CA ASP A 83 1.98 17.44 -14.22
C ASP A 83 2.25 18.33 -13.01
N TYR A 84 1.33 18.37 -12.06
CA TYR A 84 1.64 18.99 -10.77
C TYR A 84 2.85 18.34 -10.06
N MET A 85 3.03 17.03 -10.23
CA MET A 85 4.12 16.35 -9.57
C MET A 85 5.44 16.71 -10.21
N LYS A 86 5.45 16.82 -11.53
CA LYS A 86 6.64 17.16 -12.29
C LYS A 86 7.05 18.62 -12.04
N LYS A 87 6.12 19.54 -12.22
CA LYS A 87 6.34 20.95 -11.86
C LYS A 87 7.09 21.06 -10.53
N ASN A 88 6.55 20.49 -9.46
CA ASN A 88 7.17 20.55 -8.12
C ASN A 88 8.20 19.51 -7.74
N GLY A 89 8.71 18.76 -8.71
CA GLY A 89 9.72 17.72 -8.40
C GLY A 89 9.27 16.65 -7.40
N ILE A 90 8.03 16.23 -7.48
CA ILE A 90 7.54 15.16 -6.62
C ILE A 90 7.69 13.84 -7.37
N MET A 91 8.44 12.89 -6.80
CA MET A 91 8.71 11.61 -7.51
C MET A 91 7.50 10.69 -7.51
N LEU A 92 7.23 10.07 -8.65
CA LEU A 92 6.25 8.97 -8.72
C LEU A 92 6.89 7.61 -8.47
N ALA A 93 6.21 6.77 -7.69
CA ALA A 93 6.70 5.43 -7.33
C ALA A 93 5.53 4.49 -7.04
N ARG A 94 5.62 3.25 -7.51
CA ARG A 94 4.62 2.22 -7.20
C ARG A 94 5.25 1.20 -6.28
N ARG A 95 4.52 0.79 -5.26
CA ARG A 95 5.03 -0.19 -4.30
C ARG A 95 4.50 -1.59 -4.67
N TYR A 96 5.02 -2.58 -3.98
CA TYR A 96 4.71 -3.97 -4.25
C TYR A 96 3.35 -4.34 -3.63
N THR A 97 2.86 -3.59 -2.65
CA THR A 97 1.64 -4.01 -1.96
C THR A 97 0.41 -3.23 -2.45
N GLY A 98 -0.78 -3.74 -2.17
CA GLY A 98 -2.03 -3.02 -2.47
C GLY A 98 -2.27 -1.80 -1.61
N GLY A 99 -3.52 -1.30 -1.58
CA GLY A 99 -3.83 0.08 -1.10
C GLY A 99 -3.83 0.96 -2.33
N GLY A 100 -4.02 2.27 -2.30
CA GLY A 100 -3.67 3.23 -1.34
C GLY A 100 -2.62 4.09 -2.04
N ALA A 101 -2.96 5.26 -2.57
CA ALA A 101 -1.91 6.25 -2.94
C ALA A 101 -1.63 7.26 -1.83
N VAL A 102 -0.38 7.62 -1.60
CA VAL A 102 -0.05 8.46 -0.48
C VAL A 102 1.13 9.35 -0.79
N TYR A 103 1.12 10.56 -0.19
CA TYR A 103 2.23 11.48 -0.29
C TYR A 103 3.19 11.23 0.86
N HIS A 104 4.49 11.24 0.58
CA HIS A 104 5.54 11.07 1.59
C HIS A 104 6.54 12.21 1.53
N ASP A 105 7.00 12.65 2.68
CA ASP A 105 8.14 13.56 2.75
C ASP A 105 9.00 13.20 3.96
N LEU A 106 10.14 13.86 4.10
CA LEU A 106 11.02 13.70 5.26
C LEU A 106 10.35 13.75 6.63
N GLY A 107 9.08 14.17 6.67
CA GLY A 107 8.30 14.17 7.92
C GLY A 107 7.49 12.91 8.19
N ASP A 108 7.64 11.88 7.34
CA ASP A 108 6.97 10.56 7.49
C ASP A 108 8.00 9.57 7.94
N LEU A 109 7.70 8.85 9.01
CA LEU A 109 8.55 7.76 9.41
C LEU A 109 7.96 6.48 8.78
N ASN A 110 8.73 5.82 7.92
CA ASN A 110 8.32 4.57 7.31
C ASN A 110 8.99 3.42 7.98
N PHE A 111 8.22 2.36 8.22
CA PHE A 111 8.78 1.11 8.75
C PHE A 111 8.12 -0.13 8.16
N SER A 112 8.92 -1.18 8.05
CA SER A 112 8.37 -2.46 7.65
C SER A 112 8.88 -3.60 8.50
N VAL A 113 8.05 -4.63 8.58
CA VAL A 113 8.30 -5.80 9.37
C VAL A 113 8.09 -7.02 8.48
N VAL A 114 9.10 -7.89 8.44
CA VAL A 114 8.99 -9.18 7.75
C VAL A 114 9.21 -10.29 8.75
N ARG A 115 8.23 -11.18 8.85
CA ARG A 115 8.33 -12.40 9.69
C ARG A 115 8.01 -13.71 8.99
N SER A 116 8.46 -14.81 9.58
CA SER A 116 8.00 -16.15 9.22
C SER A 116 6.47 -16.24 9.36
N SER A 117 5.85 -17.02 8.48
CA SER A 117 4.42 -17.19 8.50
C SER A 117 4.14 -18.65 8.24
N ASP A 118 3.14 -19.19 8.94
CA ASP A 118 2.66 -20.56 8.69
C ASP A 118 1.16 -20.61 8.39
N ASP A 119 0.58 -19.50 7.96
CA ASP A 119 -0.83 -19.44 7.68
C ASP A 119 -1.03 -18.24 6.80
N MET A 120 -2.25 -17.99 6.36
CA MET A 120 -2.49 -16.91 5.41
C MET A 120 -3.52 -15.92 5.96
N ASP A 121 -3.53 -15.73 7.28
CA ASP A 121 -4.46 -14.81 7.94
C ASP A 121 -3.90 -13.38 7.95
N ILE A 122 -4.11 -12.66 6.86
CA ILE A 122 -3.52 -11.35 6.70
C ILE A 122 -4.17 -10.32 7.63
N THR A 123 -5.42 -10.58 7.98
CA THR A 123 -6.19 -9.71 8.88
C THR A 123 -5.60 -9.71 10.28
N SER A 124 -5.04 -10.85 10.70
CA SER A 124 -4.35 -10.99 11.96
C SER A 124 -3.08 -10.19 11.98
N MET A 125 -2.34 -10.24 10.87
CA MET A 125 -1.12 -9.49 10.78
C MET A 125 -1.43 -8.00 10.96
N PHE A 126 -2.37 -7.48 10.15
CA PHE A 126 -2.75 -6.09 10.24
C PHE A 126 -3.09 -5.68 11.65
N ARG A 127 -3.83 -6.57 12.34
CA ARG A 127 -4.33 -6.27 13.67
C ARG A 127 -3.24 -6.31 14.72
N THR A 128 -2.32 -7.27 14.58
CA THR A 128 -1.19 -7.37 15.46
C THR A 128 -0.31 -6.15 15.35
N MET A 129 -0.02 -5.72 14.14
CA MET A 129 0.90 -4.61 13.93
C MET A 129 0.30 -3.30 14.41
N ASN A 130 -0.97 -3.08 14.13
CA ASN A 130 -1.71 -2.00 14.77
C ASN A 130 -1.56 -1.99 16.31
N GLU A 131 -1.65 -3.16 16.97
CA GLU A 131 -1.50 -3.18 18.42
C GLU A 131 -0.08 -2.78 18.84
N ALA A 132 0.91 -3.16 18.03
CA ALA A 132 2.26 -2.78 18.34
C ALA A 132 2.45 -1.27 18.16
N VAL A 133 1.73 -0.66 17.22
CA VAL A 133 1.88 0.77 16.99
C VAL A 133 1.33 1.50 18.21
N VAL A 134 0.11 1.10 18.58
CA VAL A 134 -0.56 1.59 19.77
C VAL A 134 0.30 1.43 21.04
N ASN A 135 0.84 0.25 21.30
CA ASN A 135 1.74 0.11 22.44
C ASN A 135 2.92 1.06 22.36
N SER A 136 3.38 1.40 21.16
CA SER A 136 4.50 2.33 20.96
C SER A 136 4.14 3.77 21.27
N LEU A 137 2.96 4.21 20.85
CA LEU A 137 2.54 5.59 21.05
C LEU A 137 2.10 5.81 22.49
N ARG A 138 1.80 4.74 23.23
CA ARG A 138 1.56 4.87 24.65
C ARG A 138 2.81 5.32 25.42
N ILE A 139 3.98 4.78 25.06
CA ILE A 139 5.25 5.26 25.58
C ILE A 139 5.39 6.77 25.46
N LEU A 140 4.88 7.36 24.39
CA LEU A 140 4.95 8.82 24.18
C LEU A 140 3.81 9.57 24.89
N GLY A 141 2.98 8.85 25.62
CA GLY A 141 1.86 9.44 26.31
C GLY A 141 0.66 9.72 25.42
N LEU A 142 0.52 8.95 24.34
CA LEU A 142 -0.62 9.13 23.43
C LEU A 142 -1.66 8.02 23.47
N ASP A 143 -2.92 8.42 23.51
CA ASP A 143 -4.03 7.50 23.47
C ASP A 143 -4.40 7.13 22.02
N ALA A 144 -3.68 6.19 21.42
CA ALA A 144 -3.86 5.88 20.01
C ALA A 144 -4.86 4.77 19.89
N ARG A 145 -5.53 4.71 18.75
CA ARG A 145 -6.62 3.76 18.56
C ARG A 145 -6.61 3.15 17.15
N PRO A 146 -6.76 1.82 17.08
CA PRO A 146 -7.07 1.20 15.80
C PRO A 146 -8.43 1.73 15.35
N GLY A 147 -8.77 1.67 14.07
CA GLY A 147 -8.09 0.83 13.13
C GLY A 147 -9.05 -0.31 12.86
N GLU A 148 -9.88 -0.13 11.83
CA GLU A 148 -10.74 -1.23 11.40
C GLU A 148 -9.82 -2.36 10.86
N LEU A 149 -8.79 -1.98 10.10
CA LEU A 149 -7.82 -2.94 9.53
C LEU A 149 -6.42 -2.29 9.40
N ASN A 150 -6.31 -1.14 8.75
CA ASN A 150 -4.97 -0.64 8.40
C ASN A 150 -4.60 0.82 8.68
N ASP A 151 -5.26 1.47 9.63
CA ASP A 151 -4.75 2.74 10.13
C ASP A 151 -4.74 2.83 11.65
N VAL A 152 -4.08 3.85 12.18
CA VAL A 152 -4.08 4.14 13.61
C VAL A 152 -4.42 5.62 13.76
N SER A 153 -5.23 5.96 14.76
CA SER A 153 -5.66 7.35 15.01
C SER A 153 -5.56 7.82 16.45
N ILE A 154 -5.53 9.14 16.61
CA ILE A 154 -5.57 9.78 17.92
C ILE A 154 -6.95 10.42 18.08
N PRO A 155 -7.63 10.16 19.21
CA PRO A 155 -8.92 10.83 19.44
C PRO A 155 -8.75 12.31 19.74
N VAL A 156 -9.71 13.10 19.28
CA VAL A 156 -9.77 14.56 19.54
C VAL A 156 -11.14 14.96 20.12
N GLY A 165 -14.45 11.73 16.09
CA GLY A 165 -13.50 12.70 16.61
C GLY A 165 -12.09 12.11 16.70
N GLU A 166 -11.54 11.79 15.53
CA GLU A 166 -10.27 11.07 15.43
C GLU A 166 -9.56 11.39 14.16
N LYS A 167 -8.26 11.55 14.27
CA LYS A 167 -7.44 11.83 13.12
C LYS A 167 -6.44 10.70 12.86
N LYS A 168 -6.40 10.23 11.63
CA LYS A 168 -5.41 9.24 11.17
C LYS A 168 -4.01 9.79 11.24
N ILE A 169 -3.09 9.05 11.84
CA ILE A 169 -1.70 9.48 11.91
C ILE A 169 -0.78 8.44 11.23
N MET A 170 -1.32 7.27 10.95
CA MET A 170 -0.56 6.23 10.32
C MET A 170 -1.40 5.42 9.31
N GLY A 171 -0.85 5.14 8.13
CA GLY A 171 -1.50 4.20 7.19
C GLY A 171 -0.63 2.98 6.90
N ALA A 172 -1.26 1.83 6.63
CA ALA A 172 -0.48 0.60 6.38
C ALA A 172 -0.94 -0.25 5.20
N ALA A 173 -0.06 -1.14 4.78
CA ALA A 173 -0.37 -2.15 3.77
C ALA A 173 0.49 -3.40 4.06
N GLY A 174 0.30 -4.46 3.31
CA GLY A 174 1.21 -5.58 3.43
C GLY A 174 0.95 -6.67 2.42
N ALA A 175 1.66 -7.79 2.61
CA ALA A 175 1.74 -8.87 1.64
C ALA A 175 2.04 -10.19 2.38
N MET A 176 1.58 -11.29 1.80
CA MET A 176 1.86 -12.59 2.39
C MET A 176 2.15 -13.56 1.24
N ARG A 177 2.81 -14.67 1.58
CA ARG A 177 3.15 -15.74 0.67
C ARG A 177 3.51 -16.96 1.57
N LYS A 178 3.70 -18.13 0.97
CA LYS A 178 4.03 -19.29 1.78
C LYS A 178 5.34 -19.05 2.52
N GLY A 179 5.27 -19.06 3.85
CA GLY A 179 6.48 -18.94 4.68
C GLY A 179 6.75 -17.56 5.25
N ALA A 180 6.22 -16.50 4.62
CA ALA A 180 6.55 -15.12 5.02
C ALA A 180 5.44 -14.12 4.87
N LYS A 181 5.39 -13.17 5.80
CA LYS A 181 4.50 -12.03 5.71
C LYS A 181 5.30 -10.69 5.80
N LEU A 182 4.83 -9.71 5.04
CA LEU A 182 5.34 -8.36 5.05
C LEU A 182 4.24 -7.39 5.46
N TRP A 183 4.59 -6.52 6.41
CA TRP A 183 3.74 -5.38 6.82
C TRP A 183 4.61 -4.13 6.79
N HIS A 184 4.10 -3.05 6.20
CA HIS A 184 4.80 -1.78 6.23
C HIS A 184 3.84 -0.62 6.43
N ALA A 185 4.30 0.46 7.04
CA ALA A 185 3.41 1.59 7.36
C ALA A 185 4.12 2.94 7.27
N ALA A 186 3.36 4.01 7.07
CA ALA A 186 3.96 5.35 7.12
C ALA A 186 3.27 6.14 8.22
N MET A 187 4.07 6.74 9.09
CA MET A 187 3.52 7.52 10.17
C MET A 187 3.79 8.99 9.95
N LEU A 188 2.75 9.80 10.06
CA LEU A 188 2.88 11.23 9.85
C LEU A 188 3.44 11.83 11.11
N VAL A 189 4.70 12.22 11.11
CA VAL A 189 5.30 12.85 12.28
C VAL A 189 5.27 14.40 12.16
N HIS A 190 5.82 14.94 11.07
CA HIS A 190 5.90 16.37 10.78
CA HIS A 190 5.84 16.39 10.80
C HIS A 190 5.80 16.60 9.28
N THR A 191 4.78 16.02 8.67
CA THR A 191 4.57 16.08 7.23
C THR A 191 3.76 17.34 6.86
N ASP A 192 3.85 17.79 5.62
CA ASP A 192 3.05 18.87 5.13
C ASP A 192 1.73 18.28 4.69
N LEU A 193 0.72 18.41 5.56
CA LEU A 193 -0.58 17.77 5.39
C LEU A 193 -1.35 18.30 4.21
N ASP A 194 -0.96 19.46 3.72
CA ASP A 194 -1.63 20.09 2.60
CA ASP A 194 -1.68 20.04 2.62
C ASP A 194 -1.33 19.31 1.32
N MET A 195 -0.09 18.84 1.22
CA MET A 195 0.37 18.05 0.09
C MET A 195 -0.45 16.79 -0.16
N LEU A 196 -0.97 16.16 0.90
CA LEU A 196 -1.78 14.95 0.73
C LEU A 196 -2.88 15.14 -0.31
N SER A 197 -3.47 16.33 -0.37
CA SER A 197 -4.58 16.58 -1.30
C SER A 197 -4.13 17.18 -2.62
N ALA A 198 -3.08 18.00 -2.57
CA ALA A 198 -2.52 18.64 -3.77
C ALA A 198 -1.99 17.66 -4.84
N VAL A 199 -1.88 16.38 -4.53
CA VAL A 199 -1.30 15.44 -5.51
C VAL A 199 -2.31 14.58 -6.21
N LEU A 200 -3.47 14.39 -5.57
CA LEU A 200 -4.58 13.57 -6.07
C LEU A 200 -5.26 14.15 -7.31
N LYS A 201 -5.85 13.27 -8.13
CA LYS A 201 -6.47 13.68 -9.40
C LYS A 201 -7.94 13.92 -9.12
N VAL A 202 -8.40 15.12 -9.44
CA VAL A 202 -9.76 15.55 -9.09
C VAL A 202 -10.75 15.45 -10.25
N PRO A 203 -11.94 14.82 -10.02
CA PRO A 203 -12.93 14.66 -11.12
C PRO A 203 -13.20 16.01 -11.82
N ASP A 204 -13.70 16.99 -11.08
CA ASP A 204 -13.70 18.40 -11.54
C ASP A 204 -12.89 19.25 -10.57
N GLU A 205 -12.12 20.18 -11.13
CA GLU A 205 -11.14 20.94 -10.36
C GLU A 205 -11.76 21.91 -9.33
N LYS A 206 -13.09 22.02 -9.34
CA LYS A 206 -13.83 22.85 -8.38
C LYS A 206 -13.99 22.16 -7.03
N PHE A 207 -14.13 20.83 -7.07
CA PHE A 207 -14.28 20.00 -5.88
C PHE A 207 -12.92 19.57 -5.34
N ARG A 208 -11.89 20.36 -5.66
CA ARG A 208 -10.54 20.22 -5.10
C ARG A 208 -10.57 20.68 -3.65
N ASP A 209 -11.61 21.44 -3.32
CA ASP A 209 -11.73 22.05 -2.02
C ASP A 209 -12.52 21.20 -1.02
N LYS A 210 -13.49 20.43 -1.52
CA LYS A 210 -14.30 19.53 -0.68
C LYS A 210 -13.47 18.39 -0.09
N ILE A 211 -12.47 17.91 -0.85
CA ILE A 211 -11.57 16.84 -0.38
C ILE A 211 -10.40 17.35 0.50
N ALA A 212 -9.87 18.53 0.17
CA ALA A 212 -8.75 19.16 0.91
C ALA A 212 -9.11 19.49 2.36
N LYS A 213 -10.30 20.07 2.54
CA LYS A 213 -10.82 20.46 3.86
C LYS A 213 -11.31 19.22 4.62
N SER A 214 -11.68 18.19 3.88
CA SER A 214 -12.06 16.89 4.45
C SER A 214 -10.83 16.09 4.93
N THR A 215 -9.75 16.14 4.16
CA THR A 215 -8.49 15.53 4.57
C THR A 215 -7.98 16.17 5.85
N ARG A 216 -7.78 17.49 5.85
CA ARG A 216 -7.24 18.15 7.04
C ARG A 216 -8.04 17.87 8.31
N GLU A 217 -9.32 17.56 8.16
CA GLU A 217 -10.16 17.23 9.31
C GLU A 217 -10.10 15.75 9.68
N ARG A 218 -9.35 14.98 8.93
CA ARG A 218 -9.30 13.53 9.15
C ARG A 218 -7.91 12.96 9.40
N VAL A 219 -6.87 13.80 9.21
CA VAL A 219 -5.49 13.39 9.42
C VAL A 219 -4.73 14.43 10.25
N ALA A 220 -3.74 13.98 11.00
CA ALA A 220 -2.89 14.85 11.82
C ALA A 220 -1.46 14.32 11.86
N ASN A 221 -0.53 15.17 12.30
CA ASN A 221 0.82 14.76 12.63
C ASN A 221 0.90 14.37 14.09
N VAL A 222 1.80 13.46 14.44
CA VAL A 222 2.08 13.14 15.85
C VAL A 222 2.60 14.41 16.62
N THR A 223 3.24 15.33 15.92
CA THR A 223 3.70 16.53 16.58
C THR A 223 2.57 17.55 16.86
N ASP A 224 1.38 17.34 16.30
CA ASP A 224 0.19 18.11 16.69
C ASP A 224 -0.21 17.88 18.18
N PHE A 225 0.21 16.75 18.76
CA PHE A 225 -0.27 16.28 20.06
C PHE A 225 0.84 16.12 21.10
N VAL A 226 2.08 15.97 20.65
CA VAL A 226 3.19 15.80 21.55
C VAL A 226 4.45 16.28 20.82
N ASP A 227 5.38 16.86 21.57
CA ASP A 227 6.56 17.36 20.91
C ASP A 227 7.66 16.29 20.86
N VAL A 228 7.74 15.61 19.73
CA VAL A 228 8.68 14.53 19.55
C VAL A 228 9.47 14.74 18.28
N SER A 229 10.75 14.42 18.35
CA SER A 229 11.53 14.30 17.13
C SER A 229 11.26 12.91 16.49
N ILE A 230 11.61 12.82 15.21
CA ILE A 230 11.34 11.64 14.43
C ILE A 230 12.08 10.43 15.00
N ASP A 231 13.29 10.66 15.53
CA ASP A 231 14.10 9.62 16.15
C ASP A 231 13.54 9.12 17.48
N GLU A 232 12.83 9.97 18.22
CA GLU A 232 12.13 9.44 19.41
C GLU A 232 10.85 8.70 19.06
N VAL A 233 10.14 9.12 18.00
CA VAL A 233 9.02 8.29 17.52
C VAL A 233 9.54 6.89 17.17
N ARG A 234 10.65 6.84 16.43
CA ARG A 234 11.26 5.60 16.04
C ARG A 234 11.66 4.75 17.24
N ASN A 235 12.39 5.36 18.17
CA ASN A 235 12.81 4.64 19.37
C ASN A 235 11.65 4.03 20.18
N ALA A 236 10.51 4.71 20.24
CA ALA A 236 9.28 4.19 20.88
C ALA A 236 8.75 3.00 20.10
N LEU A 237 8.81 3.09 18.76
CA LEU A 237 8.39 1.99 17.86
C LEU A 237 9.24 0.75 18.03
N ILE A 238 10.54 0.93 18.11
CA ILE A 238 11.42 -0.20 18.34
C ILE A 238 11.05 -0.85 19.66
N ARG A 239 10.77 -0.03 20.67
CA ARG A 239 10.45 -0.59 21.96
C ARG A 239 9.08 -1.28 21.98
N GLY A 240 8.08 -0.63 21.40
CA GLY A 240 6.74 -1.22 21.27
C GLY A 240 6.70 -2.52 20.50
N PHE A 241 7.41 -2.58 19.38
CA PHE A 241 7.43 -3.76 18.54
C PHE A 241 8.20 -4.92 19.22
N SER A 242 9.32 -4.63 19.90
CA SER A 242 10.05 -5.63 20.69
C SER A 242 9.17 -6.32 21.72
N GLU A 243 8.43 -5.52 22.51
CA GLU A 243 7.56 -6.04 23.57
C GLU A 243 6.35 -6.78 23.01
N THR A 244 5.61 -6.17 22.07
CA THR A 244 4.36 -6.77 21.56
C THR A 244 4.60 -8.06 20.77
N LEU A 245 5.72 -8.11 20.04
CA LEU A 245 6.02 -9.23 19.16
C LEU A 245 6.94 -10.25 19.83
N HIS A 246 7.41 -9.92 21.04
CA HIS A 246 8.34 -10.78 21.77
C HIS A 246 9.60 -11.02 20.94
N ILE A 247 10.13 -9.92 20.39
CA ILE A 247 11.37 -9.94 19.62
C ILE A 247 12.35 -8.94 20.19
N ASP A 248 13.61 -9.34 20.21
CA ASP A 248 14.70 -8.49 20.65
C ASP A 248 15.44 -8.02 19.40
N PHE A 249 15.08 -6.84 18.89
CA PHE A 249 15.66 -6.34 17.62
C PHE A 249 17.00 -5.67 17.83
N ARG A 250 18.08 -6.27 17.34
CA ARG A 250 19.41 -5.67 17.43
C ARG A 250 19.79 -5.15 16.05
N GLU A 251 20.41 -3.98 16.00
CA GLU A 251 20.74 -3.38 14.74
C GLU A 251 21.64 -4.29 13.93
N ASP A 252 21.39 -4.37 12.63
CA ASP A 252 22.13 -5.25 11.75
C ASP A 252 22.28 -4.51 10.45
N THR A 253 23.14 -4.98 9.57
CA THR A 253 23.22 -4.44 8.22
C THR A 253 22.55 -5.38 7.21
N ILE A 254 22.37 -4.89 6.00
CA ILE A 254 21.83 -5.68 4.91
C ILE A 254 22.87 -6.75 4.48
N THR A 255 22.41 -7.94 4.16
CA THR A 255 23.27 -8.99 3.60
C THR A 255 23.45 -8.81 2.08
N GLU A 256 24.57 -9.33 1.55
CA GLU A 256 24.88 -9.37 0.11
CA GLU A 256 24.85 -9.33 0.09
C GLU A 256 23.70 -9.91 -0.71
N LYS A 257 23.14 -11.02 -0.26
CA LYS A 257 21.96 -11.63 -0.88
C LYS A 257 20.82 -10.59 -1.00
N GLU A 258 20.44 -9.93 0.11
CA GLU A 258 19.43 -8.87 0.08
C GLU A 258 19.85 -7.65 -0.79
N GLU A 259 21.14 -7.30 -0.80
CA GLU A 259 21.73 -6.20 -1.60
CA GLU A 259 21.62 -6.18 -1.60
C GLU A 259 21.50 -6.38 -3.11
N SER A 260 21.98 -7.52 -3.64
CA SER A 260 21.87 -7.85 -5.09
C SER A 260 20.46 -7.86 -5.60
N LEU A 261 19.61 -8.52 -4.83
CA LEU A 261 18.24 -8.71 -5.21
C LEU A 261 17.63 -7.30 -5.32
N ALA A 262 17.91 -6.44 -4.34
CA ALA A 262 17.47 -5.04 -4.35
C ALA A 262 17.91 -4.29 -5.60
N ARG A 263 19.18 -4.40 -5.95
CA ARG A 263 19.70 -3.72 -7.14
C ARG A 263 19.06 -4.28 -8.38
N GLU A 264 18.86 -5.58 -8.40
CA GLU A 264 18.27 -6.19 -9.55
C GLU A 264 16.80 -5.73 -9.70
N LEU A 265 16.10 -5.66 -8.58
CA LEU A 265 14.71 -5.27 -8.56
C LEU A 265 14.62 -3.82 -8.95
N PHE A 266 15.66 -3.05 -8.66
CA PHE A 266 15.66 -1.67 -9.05
C PHE A 266 15.88 -1.56 -10.55
N ASP A 267 16.90 -2.26 -11.04
CA ASP A 267 17.37 -2.20 -12.41
C ASP A 267 16.30 -2.71 -13.38
N LYS A 268 15.66 -3.83 -13.02
CA LYS A 268 14.64 -4.47 -13.85
C LYS A 268 13.21 -3.95 -13.63
N LYS A 269 12.92 -3.34 -12.50
CA LYS A 269 11.51 -3.09 -12.20
C LYS A 269 11.25 -1.65 -11.65
N TYR A 270 11.85 -1.31 -10.50
CA TYR A 270 11.52 -0.06 -9.81
C TYR A 270 11.99 1.19 -10.50
N SER A 271 12.93 1.02 -11.43
CA SER A 271 13.51 2.16 -12.13
C SER A 271 12.79 2.35 -13.46
N THR A 272 11.75 1.56 -13.71
CA THR A 272 11.11 1.68 -15.01
C THR A 272 9.84 2.53 -14.96
N GLU A 273 9.65 3.33 -15.99
CA GLU A 273 8.38 4.04 -16.17
C GLU A 273 7.19 3.08 -16.24
N GLU A 274 7.32 1.97 -16.96
CA GLU A 274 6.22 1.05 -17.04
C GLU A 274 5.78 0.62 -15.66
N TRP A 275 6.72 0.31 -14.77
CA TRP A 275 6.38 -0.11 -13.42
C TRP A 275 5.68 0.99 -12.64
N ASN A 276 6.25 2.18 -12.67
CA ASN A 276 5.76 3.26 -11.81
C ASN A 276 4.48 3.86 -12.32
N MET A 277 4.29 3.82 -13.63
CA MET A 277 3.03 4.29 -14.22
C MET A 277 1.87 3.35 -13.87
N GLY A 278 2.15 2.16 -13.40
CA GLY A 278 1.11 1.23 -12.99
C GLY A 278 0.79 0.18 -14.06
N LEU A 279 1.57 0.13 -15.13
CA LEU A 279 1.24 -0.79 -16.22
C LEU A 279 1.82 -2.22 -16.08
N LEU A 280 3.03 -2.36 -15.53
CA LEU A 280 3.64 -3.68 -15.35
C LEU A 280 3.06 -4.46 -14.16
N ARG A 281 2.40 -5.57 -14.50
CA ARG A 281 1.76 -6.45 -13.53
C ARG A 281 2.24 -7.90 -13.70
N LYS A 282 3.50 -8.12 -14.06
CA LYS A 282 3.97 -9.51 -14.10
C LYS A 282 5.36 -9.65 -13.51
N GLU A 283 5.68 -10.83 -12.97
CA GLU A 283 7.00 -11.07 -12.42
C GLU A 283 8.09 -11.00 -13.48
N VAL A 284 9.13 -10.22 -13.21
CA VAL A 284 10.32 -10.12 -14.09
C VAL A 284 11.58 -10.51 -13.30
N VAL A 285 11.36 -10.92 -12.05
CA VAL A 285 12.38 -11.11 -11.02
C VAL A 285 13.43 -9.99 -10.96
N MET B 4 -23.84 -2.71 -30.75
CA MET B 4 -22.99 -1.49 -30.80
C MET B 4 -21.58 -1.76 -30.31
N HIS B 5 -20.72 -0.76 -30.50
CA HIS B 5 -19.40 -0.69 -29.86
C HIS B 5 -19.57 0.30 -28.71
N MET B 6 -19.10 -0.12 -27.53
CA MET B 6 -19.29 0.67 -26.32
C MET B 6 -18.10 0.51 -25.37
N MET B 7 -17.69 1.63 -24.78
CA MET B 7 -16.58 1.64 -23.83
C MET B 7 -16.90 2.50 -22.65
N TYR B 8 -16.82 1.94 -21.46
CA TYR B 8 -17.02 2.77 -20.28
C TYR B 8 -15.98 2.66 -19.17
N SER B 9 -16.13 3.54 -18.20
CA SER B 9 -15.25 3.64 -17.06
C SER B 9 -16.09 3.90 -15.85
N LYS B 10 -15.80 3.18 -14.78
CA LYS B 10 -16.66 3.16 -13.61
C LYS B 10 -15.83 3.06 -12.32
N ASN B 11 -16.16 3.86 -11.31
CA ASN B 11 -15.60 3.72 -9.96
C ASN B 11 -16.61 3.03 -9.06
N TRP B 12 -16.13 2.40 -8.01
CA TRP B 12 -17.02 1.83 -7.02
C TRP B 12 -16.41 1.79 -5.63
N LYS B 13 -16.97 2.54 -4.67
CA LYS B 13 -16.57 2.46 -3.27
C LYS B 13 -17.04 1.14 -2.68
N ALA B 14 -16.11 0.35 -2.18
CA ALA B 14 -16.43 -0.83 -1.39
C ALA B 14 -16.28 -0.42 0.09
N LYS B 15 -16.38 -1.38 1.02
CA LYS B 15 -16.24 -1.05 2.43
C LYS B 15 -14.81 -0.62 2.75
N LYS B 16 -13.81 -1.39 2.29
CA LYS B 16 -12.48 -0.79 2.19
C LYS B 16 -11.92 -0.82 0.75
N GLY B 17 -11.82 0.35 0.14
CA GLY B 17 -11.26 0.44 -1.21
C GLY B 17 -12.14 0.99 -2.30
N LEU B 18 -11.57 1.01 -3.51
CA LEU B 18 -12.19 1.64 -4.65
C LEU B 18 -11.80 0.79 -5.85
N ILE B 19 -12.79 0.16 -6.48
CA ILE B 19 -12.55 -0.58 -7.72
C ILE B 19 -12.84 0.31 -8.94
N ARG B 20 -11.85 0.47 -9.81
CA ARG B 20 -12.06 1.17 -11.10
C ARG B 20 -12.07 0.12 -12.17
N VAL B 21 -13.03 0.22 -13.07
CA VAL B 21 -13.12 -0.71 -14.21
C VAL B 21 -13.17 0.05 -15.51
N THR B 22 -12.51 -0.45 -16.55
CA THR B 22 -12.75 0.01 -17.93
C THR B 22 -13.13 -1.17 -18.84
N LEU B 23 -14.35 -1.13 -19.40
CA LEU B 23 -14.79 -2.19 -20.31
C LEU B 23 -14.95 -1.72 -21.72
N ASP B 24 -14.52 -2.57 -22.64
CA ASP B 24 -14.63 -2.37 -24.07
C ASP B 24 -15.63 -3.40 -24.58
N LEU B 25 -16.81 -2.94 -25.01
CA LEU B 25 -17.91 -3.87 -25.39
C LEU B 25 -18.22 -3.92 -26.88
N ASP B 26 -18.15 -5.12 -27.45
CA ASP B 26 -18.56 -5.37 -28.80
C ASP B 26 -19.90 -6.11 -28.74
N GLY B 27 -20.98 -5.37 -28.95
CA GLY B 27 -22.30 -5.95 -28.78
C GLY B 27 -22.52 -6.37 -27.33
N ASN B 28 -22.61 -7.67 -27.11
CA ASN B 28 -22.94 -8.22 -25.79
C ASN B 28 -21.67 -8.82 -25.15
N ARG B 29 -20.54 -8.65 -25.84
CA ARG B 29 -19.36 -9.42 -25.59
CA ARG B 29 -19.28 -9.93 -25.78
C ARG B 29 -18.17 -8.52 -25.20
N ILE B 30 -17.36 -9.02 -24.26
CA ILE B 30 -16.29 -8.23 -23.64
C ILE B 30 -15.03 -8.34 -24.49
N LYS B 31 -14.64 -7.24 -25.10
CA LYS B 31 -13.51 -7.23 -26.01
C LYS B 31 -12.24 -7.00 -25.21
N ASP B 32 -12.33 -6.07 -24.26
CA ASP B 32 -11.26 -5.82 -23.33
C ASP B 32 -11.76 -5.38 -21.96
N ILE B 33 -10.91 -5.57 -20.96
CA ILE B 33 -11.21 -5.14 -19.60
C ILE B 33 -9.92 -4.81 -18.84
N HIS B 34 -10.01 -3.79 -18.01
CA HIS B 34 -8.90 -3.39 -17.20
CA HIS B 34 -8.81 -3.34 -17.18
C HIS B 34 -9.48 -3.08 -15.84
N ILE B 35 -9.00 -3.78 -14.81
CA ILE B 35 -9.43 -3.54 -13.45
C ILE B 35 -8.27 -2.93 -12.65
N SER B 36 -8.56 -1.86 -11.89
CA SER B 36 -7.52 -1.20 -11.15
C SER B 36 -8.09 -0.64 -9.86
N GLY B 37 -7.22 0.01 -9.09
CA GLY B 37 -7.66 0.75 -7.92
C GLY B 37 -7.05 0.31 -6.61
N ASP B 38 -7.75 0.67 -5.55
CA ASP B 38 -7.23 0.64 -4.19
C ASP B 38 -7.85 -0.59 -3.49
N PHE B 39 -7.08 -1.66 -3.45
CA PHE B 39 -7.51 -2.86 -2.78
C PHE B 39 -6.36 -3.84 -2.61
N PHE B 40 -6.66 -4.92 -1.89
CA PHE B 40 -5.72 -6.00 -1.69
C PHE B 40 -6.31 -7.26 -2.28
N MET B 41 -5.44 -8.11 -2.80
CA MET B 41 -5.84 -9.30 -3.47
C MET B 41 -4.65 -10.22 -3.47
N PHE B 42 -4.84 -11.39 -2.86
CA PHE B 42 -3.83 -12.45 -2.86
C PHE B 42 -4.44 -13.73 -3.42
N PRO B 43 -3.72 -14.41 -4.31
CA PRO B 43 -2.43 -13.92 -4.83
C PRO B 43 -2.58 -12.60 -5.58
N GLU B 44 -1.49 -11.86 -5.77
CA GLU B 44 -1.58 -10.52 -6.36
C GLU B 44 -1.88 -10.61 -7.86
N ASP B 45 -1.32 -11.62 -8.54
CA ASP B 45 -1.55 -11.76 -9.97
C ASP B 45 -2.86 -12.48 -10.33
N SER B 46 -3.67 -12.76 -9.33
CA SER B 46 -5.07 -13.11 -9.54
C SER B 46 -5.88 -12.01 -10.26
N ILE B 47 -5.43 -10.76 -10.15
CA ILE B 47 -6.06 -9.69 -10.90
C ILE B 47 -5.95 -9.95 -12.40
N ASN B 48 -4.85 -10.54 -12.84
CA ASN B 48 -4.68 -10.87 -14.25
C ASN B 48 -5.57 -12.03 -14.71
N ARG B 49 -5.87 -12.94 -13.78
CA ARG B 49 -6.73 -14.08 -14.05
C ARG B 49 -8.16 -13.56 -14.22
N LEU B 50 -8.56 -12.61 -13.38
CA LEU B 50 -9.92 -12.08 -13.41
C LEU B 50 -10.19 -11.32 -14.71
N GLU B 51 -9.18 -10.60 -15.20
CA GLU B 51 -9.33 -9.91 -16.48
C GLU B 51 -9.38 -10.93 -17.64
N ASP B 52 -8.53 -11.96 -17.57
CA ASP B 52 -8.45 -12.99 -18.61
C ASP B 52 -9.73 -13.79 -18.74
N MET B 53 -10.42 -13.97 -17.62
CA MET B 53 -11.64 -14.74 -17.57
C MET B 53 -12.80 -13.99 -18.18
N LEU B 54 -12.95 -12.73 -17.80
CA LEU B 54 -13.97 -11.85 -18.36
C LEU B 54 -13.80 -11.58 -19.87
N ARG B 55 -12.55 -11.50 -20.33
CA ARG B 55 -12.22 -11.34 -21.75
C ARG B 55 -12.14 -12.69 -22.53
N GLY B 56 -13.04 -12.94 -23.50
CA GLY B 56 -14.26 -12.22 -23.71
C GLY B 56 -15.41 -13.18 -23.52
N SER B 57 -16.14 -12.97 -22.43
CA SER B 57 -17.37 -13.66 -22.15
C SER B 57 -18.48 -12.70 -22.51
N SER B 58 -19.67 -12.95 -21.99
CA SER B 58 -20.82 -12.12 -22.27
C SER B 58 -21.24 -11.39 -21.03
N ILE B 59 -21.44 -10.09 -21.17
CA ILE B 59 -21.79 -9.23 -20.04
C ILE B 59 -22.97 -9.78 -19.23
N GLU B 60 -23.61 -10.81 -19.77
CA GLU B 60 -24.72 -11.49 -19.09
C GLU B 60 -24.18 -12.43 -18.02
N LYS B 61 -23.19 -13.24 -18.40
CA LYS B 61 -22.59 -14.24 -17.52
C LYS B 61 -21.32 -13.74 -16.80
N ILE B 62 -21.46 -12.57 -16.17
CA ILE B 62 -20.40 -11.93 -15.41
C ILE B 62 -20.29 -12.56 -14.02
N ASN B 63 -21.42 -12.66 -13.32
CA ASN B 63 -21.50 -13.21 -11.96
C ASN B 63 -20.97 -14.63 -11.93
N ASP B 64 -21.32 -15.42 -12.94
CA ASP B 64 -20.76 -16.76 -13.09
C ASP B 64 -19.24 -16.72 -12.95
N ILE B 65 -18.63 -15.75 -13.62
CA ILE B 65 -17.17 -15.58 -13.66
C ILE B 65 -16.63 -15.09 -12.31
N ILE B 66 -17.34 -14.17 -11.66
CA ILE B 66 -16.91 -13.61 -10.38
C ILE B 66 -16.90 -14.71 -9.29
N ARG B 67 -18.04 -15.37 -9.13
CA ARG B 67 -18.24 -16.42 -8.12
C ARG B 67 -17.29 -17.57 -8.37
N ASP B 68 -17.09 -17.92 -9.65
CA ASP B 68 -16.12 -18.97 -10.01
C ASP B 68 -14.73 -18.62 -9.47
N PHE B 69 -14.19 -17.50 -9.98
CA PHE B 69 -12.93 -16.86 -9.58
C PHE B 69 -12.62 -16.95 -8.09
N TYR B 70 -13.54 -16.43 -7.28
CA TYR B 70 -13.49 -16.58 -5.84
C TYR B 70 -13.42 -18.06 -5.32
N ASN B 71 -14.20 -18.96 -5.91
CA ASN B 71 -14.14 -20.39 -5.55
C ASN B 71 -12.79 -21.09 -5.87
N GLN B 72 -11.88 -20.39 -6.55
CA GLN B 72 -10.51 -20.88 -6.68
C GLN B 72 -9.67 -20.42 -5.49
N GLY B 73 -10.32 -19.74 -4.55
CA GLY B 73 -9.72 -19.34 -3.28
C GLY B 73 -8.88 -18.07 -3.36
N VAL B 74 -9.53 -16.94 -3.60
CA VAL B 74 -8.86 -15.65 -3.69
C VAL B 74 -9.25 -14.80 -2.48
N ILE B 75 -8.27 -14.15 -1.85
CA ILE B 75 -8.52 -13.37 -0.64
C ILE B 75 -8.48 -11.86 -0.94
N THR B 76 -9.59 -11.18 -0.66
CA THR B 76 -9.75 -9.81 -1.11
C THR B 76 -10.29 -8.96 0.03
N PRO B 77 -9.49 -8.79 1.10
CA PRO B 77 -9.87 -8.19 2.38
C PRO B 77 -10.69 -6.92 2.26
N GLY B 78 -11.87 -6.91 2.88
CA GLY B 78 -12.74 -5.73 2.91
C GLY B 78 -13.39 -5.42 1.55
N VAL B 79 -13.28 -6.36 0.62
CA VAL B 79 -13.88 -6.25 -0.69
C VAL B 79 -14.56 -7.59 -0.96
N GLU B 80 -15.88 -7.58 -0.85
CA GLU B 80 -16.74 -8.74 -1.09
C GLU B 80 -16.84 -9.05 -2.59
N PRO B 81 -17.27 -10.27 -2.95
CA PRO B 81 -17.50 -10.59 -4.36
C PRO B 81 -18.63 -9.79 -5.05
N GLU B 82 -19.60 -9.30 -4.28
CA GLU B 82 -20.66 -8.50 -4.85
C GLU B 82 -20.22 -7.05 -5.07
N ASP B 83 -18.98 -6.73 -4.69
CA ASP B 83 -18.37 -5.42 -4.98
C ASP B 83 -17.82 -5.34 -6.42
N PHE B 84 -17.23 -6.43 -6.90
CA PHE B 84 -16.81 -6.53 -8.30
C PHE B 84 -18.01 -6.66 -9.26
N ILE B 85 -19.18 -6.98 -8.70
CA ILE B 85 -20.43 -6.99 -9.43
C ILE B 85 -20.92 -5.55 -9.64
N GLN B 86 -21.02 -4.77 -8.57
CA GLN B 86 -21.39 -3.36 -8.71
C GLN B 86 -20.41 -2.58 -9.61
N ALA B 87 -19.11 -2.87 -9.46
CA ALA B 87 -18.05 -2.21 -10.24
C ALA B 87 -18.19 -2.45 -11.74
N LEU B 88 -18.45 -3.71 -12.07
CA LEU B 88 -18.50 -4.22 -13.42
C LEU B 88 -19.86 -4.10 -14.11
N ARG B 89 -20.87 -3.58 -13.41
CA ARG B 89 -22.24 -3.51 -13.95
C ARG B 89 -22.56 -2.17 -14.54
N VAL B 90 -23.05 -2.20 -15.77
CA VAL B 90 -23.44 -0.98 -16.49
C VAL B 90 -24.91 -0.63 -16.22
N ILE B 91 -25.82 -1.48 -16.69
CA ILE B 91 -27.27 -1.22 -16.60
C ILE B 91 -27.86 -1.69 -15.27
#